data_8TOZ
#
_entry.id   8TOZ
#
_cell.length_a   84.082
_cell.length_b   84.082
_cell.length_c   280.826
_cell.angle_alpha   90.00
_cell.angle_beta   90.00
_cell.angle_gamma   120.00
#
_symmetry.space_group_name_H-M   'P 65 2 2'
#
loop_
_entity.id
_entity.type
_entity.pdbx_description
1 polymer 'Class-III preQ1 riboswitch'
2 non-polymer 7-DEAZA-7-AMINOMETHYL-GUANINE
3 water water
#
_entity_poly.entity_id   1
_entity_poly.type   'polyribonucleotide'
_entity_poly.pdbx_seq_one_letter_code
;(GTP)AGCAACCUAGGAUUUUAGGCUCCCCGGCGUGUCUCGAACCAUGCCGGGCCAAACCCAUAGGGCUGGCGGUCCCUG
UGCGGUCAGAAUUCAUCCGCCGGAG
;
_entity_poly.pdbx_strand_id   A
#